data_2K5Z
#
_entry.id   2K5Z
#
_entity_poly.entity_id   1
_entity_poly.type   'polyribonucleotide'
_entity_poly.pdbx_seq_one_letter_code
;GGUCUACAUUGCUGUUGUCGUGUGUGACC
;
_entity_poly.pdbx_strand_id   A
#